data_2C07
#
_entry.id   2C07
#
_cell.length_a   73.121
_cell.length_b   73.121
_cell.length_c   100.176
_cell.angle_alpha   90.00
_cell.angle_beta   90.00
_cell.angle_gamma   90.00
#
_symmetry.space_group_name_H-M   'P 42 21 2'
#
loop_
_entity.id
_entity.type
_entity.pdbx_description
1 polymer '3-OXOACYL-(ACYL-CARRIER PROTEIN) REDUCTASE'
2 non-polymer 'SULFATE ION'
3 water water
#
_entity_poly.entity_id   1
_entity_poly.type   'polypeptide(L)'
_entity_poly.pdbx_seq_one_letter_code
;MGHHHHHHHHHHSSGHIEGRHMKLEFMNLLSENKKENYYYCGENKVALVTGAGRGIGREIAKMLAKSVSHVICISRTQKS
CDSVVDEIKSFGYESSGYAGDVSKKEEISEVINKILTEHKNVDILVNNAGITRDNLFLRMKNDEWEDVLRTNLNSLFYIT
QPISKRMINNRYGRIINISSIVGLTGNVGQANYSSSKAGVIGFTKSLAKELASRNITVNAIAPGFISSDMTDKISEQIKK
NIISNIPAGRMGTPEEVANLACFLSSDKSGYINGRVFVIDGGLSP
;
_entity_poly.pdbx_strand_id   A
#
loop_
_chem_comp.id
_chem_comp.type
_chem_comp.name
_chem_comp.formula
SO4 non-polymer 'SULFATE ION' 'O4 S -2'
#
# COMPACT_ATOMS: atom_id res chain seq x y z
N LYS A 35 -1.51 -11.35 22.97
CA LYS A 35 -2.45 -10.19 23.00
C LYS A 35 -2.48 -9.45 21.67
N GLU A 36 -2.56 -10.21 20.59
CA GLU A 36 -2.62 -9.60 19.27
C GLU A 36 -3.52 -10.47 18.42
N ASN A 37 -3.98 -9.93 17.30
CA ASN A 37 -4.80 -10.69 16.39
C ASN A 37 -3.88 -11.61 15.59
N TYR A 38 -4.45 -12.69 15.06
CA TYR A 38 -3.74 -13.59 14.19
C TYR A 38 -4.56 -13.60 12.90
N TYR A 39 -3.90 -13.37 11.76
CA TYR A 39 -4.56 -13.33 10.47
C TYR A 39 -4.18 -14.53 9.64
N TYR A 40 -5.11 -15.47 9.49
CA TYR A 40 -4.84 -16.62 8.67
C TYR A 40 -5.03 -16.17 7.22
N CYS A 41 -3.96 -16.24 6.43
CA CYS A 41 -4.00 -15.80 5.04
C CYS A 41 -3.96 -16.93 4.02
N GLY A 42 -4.14 -18.16 4.50
CA GLY A 42 -4.11 -19.27 3.57
C GLY A 42 -2.76 -19.97 3.63
N GLU A 43 -2.61 -21.01 2.82
CA GLU A 43 -1.39 -21.81 2.80
C GLU A 43 -0.43 -21.49 1.67
N ASN A 44 0.87 -21.54 1.96
CA ASN A 44 1.93 -21.34 0.96
C ASN A 44 1.78 -20.05 0.18
N LYS A 45 1.40 -18.99 0.87
CA LYS A 45 1.18 -17.70 0.22
C LYS A 45 2.42 -16.82 0.16
N VAL A 46 2.49 -16.02 -0.91
CA VAL A 46 3.59 -15.08 -1.11
C VAL A 46 2.97 -13.67 -1.17
N ALA A 47 3.53 -12.74 -0.39
CA ALA A 47 3.03 -11.36 -0.36
C ALA A 47 4.12 -10.46 -0.95
N LEU A 48 3.70 -9.33 -1.52
CA LEU A 48 4.63 -8.35 -2.06
C LEU A 48 4.13 -6.99 -1.57
N VAL A 49 5.01 -6.24 -0.92
CA VAL A 49 4.69 -4.91 -0.40
C VAL A 49 5.63 -3.87 -1.00
N THR A 50 5.08 -2.86 -1.68
CA THR A 50 5.91 -1.78 -2.23
C THR A 50 6.04 -0.65 -1.20
N GLY A 51 7.12 0.14 -1.32
CA GLY A 51 7.36 1.17 -0.32
C GLY A 51 7.50 0.53 1.06
N ALA A 52 8.16 -0.63 1.12
CA ALA A 52 8.30 -1.37 2.34
C ALA A 52 9.42 -0.93 3.29
N GLY A 53 10.16 0.08 2.88
CA GLY A 53 11.29 0.51 3.68
C GLY A 53 11.01 1.24 4.96
N ARG A 54 9.85 1.87 5.08
CA ARG A 54 9.56 2.62 6.30
C ARG A 54 8.06 2.78 6.50
N GLY A 55 7.71 3.26 7.68
CA GLY A 55 6.33 3.55 8.03
C GLY A 55 5.32 2.43 7.85
N ILE A 56 4.18 2.80 7.26
CA ILE A 56 3.10 1.87 7.01
C ILE A 56 3.55 0.66 6.21
N GLY A 57 4.26 0.90 5.12
CA GLY A 57 4.72 -0.20 4.28
C GLY A 57 5.57 -1.19 5.05
N ARG A 58 6.47 -0.67 5.88
CA ARG A 58 7.34 -1.54 6.67
C ARG A 58 6.54 -2.38 7.68
N GLU A 59 5.59 -1.77 8.36
CA GLU A 59 4.81 -2.50 9.35
C GLU A 59 3.90 -3.53 8.67
N ILE A 60 3.42 -3.22 7.48
CA ILE A 60 2.58 -4.18 6.75
C ILE A 60 3.41 -5.39 6.37
N ALA A 61 4.62 -5.16 5.85
CA ALA A 61 5.46 -6.29 5.47
C ALA A 61 5.83 -7.16 6.68
N LYS A 62 6.17 -6.50 7.78
CA LYS A 62 6.52 -7.23 9.00
C LYS A 62 5.36 -8.03 9.57
N MET A 63 4.17 -7.43 9.58
CA MET A 63 3.02 -8.17 10.12
C MET A 63 2.57 -9.30 9.21
N LEU A 64 2.61 -9.10 7.89
CA LEU A 64 2.22 -10.15 6.97
C LEU A 64 3.16 -11.35 7.16
N ALA A 65 4.40 -11.07 7.51
CA ALA A 65 5.40 -12.13 7.66
C ALA A 65 5.02 -13.15 8.73
N LYS A 66 4.18 -12.76 9.68
CA LYS A 66 3.76 -13.66 10.75
C LYS A 66 2.85 -14.76 10.21
N SER A 67 2.22 -14.52 9.06
CA SER A 67 1.36 -15.55 8.53
C SER A 67 1.43 -15.93 7.06
N VAL A 68 2.39 -15.40 6.31
CA VAL A 68 2.51 -15.82 4.92
C VAL A 68 3.86 -16.56 4.83
N SER A 69 4.05 -17.37 3.80
CA SER A 69 5.29 -18.13 3.68
C SER A 69 6.49 -17.29 3.25
N HIS A 70 6.25 -16.26 2.45
CA HIS A 70 7.34 -15.40 1.98
C HIS A 70 6.80 -14.00 1.72
N VAL A 71 7.51 -12.99 2.22
CA VAL A 71 7.12 -11.58 2.01
C VAL A 71 8.20 -10.89 1.20
N ILE A 72 7.85 -10.39 0.03
CA ILE A 72 8.79 -9.68 -0.84
C ILE A 72 8.63 -8.19 -0.56
N CYS A 73 9.76 -7.51 -0.34
CA CYS A 73 9.77 -6.09 -0.04
C CYS A 73 10.40 -5.32 -1.18
N ILE A 74 9.73 -4.27 -1.65
CA ILE A 74 10.29 -3.42 -2.68
C ILE A 74 10.44 -2.04 -2.06
N SER A 75 11.61 -1.43 -2.25
CA SER A 75 11.90 -0.09 -1.75
C SER A 75 12.68 0.59 -2.86
N ARG A 76 12.73 1.92 -2.85
CA ARG A 76 13.45 2.62 -3.90
C ARG A 76 14.92 2.20 -3.95
N THR A 77 15.54 2.03 -2.78
CA THR A 77 16.94 1.60 -2.73
C THR A 77 17.12 0.21 -2.12
N GLN A 78 18.14 -0.50 -2.59
CA GLN A 78 18.40 -1.83 -2.07
C GLN A 78 18.71 -1.78 -0.57
N LYS A 79 19.33 -0.70 -0.11
CA LYS A 79 19.66 -0.57 1.31
C LYS A 79 18.39 -0.56 2.16
N SER A 80 17.39 0.18 1.70
CA SER A 80 16.12 0.28 2.42
C SER A 80 15.39 -1.04 2.54
N CYS A 81 15.27 -1.79 1.45
CA CYS A 81 14.56 -3.05 1.60
C CYS A 81 15.37 -4.10 2.36
N ASP A 82 16.70 -4.07 2.24
CA ASP A 82 17.51 -5.04 2.97
C ASP A 82 17.30 -4.87 4.46
N SER A 83 17.08 -3.62 4.88
CA SER A 83 16.87 -3.34 6.28
C SER A 83 15.62 -4.02 6.83
N VAL A 84 14.51 -3.91 6.10
CA VAL A 84 13.27 -4.52 6.55
C VAL A 84 13.31 -6.05 6.38
N VAL A 85 13.92 -6.51 5.28
CA VAL A 85 14.05 -7.95 5.07
C VAL A 85 14.86 -8.57 6.21
N ASP A 86 15.90 -7.88 6.66
CA ASP A 86 16.72 -8.36 7.77
C ASP A 86 15.89 -8.39 9.06
N GLU A 87 15.09 -7.35 9.27
CA GLU A 87 14.26 -7.29 10.46
C GLU A 87 13.28 -8.46 10.46
N ILE A 88 12.66 -8.73 9.32
CA ILE A 88 11.70 -9.83 9.22
C ILE A 88 12.42 -11.17 9.44
N LYS A 89 13.58 -11.34 8.81
CA LYS A 89 14.30 -12.60 8.97
C LYS A 89 14.78 -12.84 10.40
N SER A 90 15.08 -11.75 11.12
CA SER A 90 15.56 -11.88 12.49
C SER A 90 14.53 -12.50 13.40
N PHE A 91 13.28 -12.54 12.93
CA PHE A 91 12.19 -13.12 13.71
C PHE A 91 11.87 -14.54 13.26
N GLY A 92 12.71 -15.06 12.36
CA GLY A 92 12.53 -16.42 11.87
C GLY A 92 11.65 -16.57 10.64
N TYR A 93 11.27 -15.45 10.02
CA TYR A 93 10.40 -15.53 8.84
C TYR A 93 11.17 -15.43 7.54
N GLU A 94 10.52 -15.75 6.43
CA GLU A 94 11.14 -15.70 5.12
C GLU A 94 10.81 -14.39 4.43
N SER A 95 11.83 -13.76 3.86
CA SER A 95 11.65 -12.48 3.17
C SER A 95 12.80 -12.20 2.19
N SER A 96 12.50 -11.46 1.14
CA SER A 96 13.50 -11.07 0.16
C SER A 96 13.20 -9.63 -0.27
N GLY A 97 14.21 -8.93 -0.77
CA GLY A 97 13.99 -7.54 -1.16
C GLY A 97 14.56 -7.15 -2.50
N TYR A 98 13.83 -6.32 -3.23
CA TYR A 98 14.26 -5.84 -4.53
C TYR A 98 14.18 -4.32 -4.60
N ALA A 99 15.24 -3.66 -5.03
CA ALA A 99 15.19 -2.21 -5.17
C ALA A 99 14.35 -1.93 -6.40
N GLY A 100 13.49 -0.92 -6.33
CA GLY A 100 12.66 -0.62 -7.48
C GLY A 100 12.00 0.74 -7.29
N ASP A 101 12.24 1.63 -8.24
CA ASP A 101 11.66 2.98 -8.22
C ASP A 101 10.36 2.92 -9.00
N VAL A 102 9.23 2.94 -8.29
CA VAL A 102 7.94 2.85 -8.98
C VAL A 102 7.63 4.01 -9.94
N SER A 103 8.35 5.12 -9.83
CA SER A 103 8.09 6.26 -10.73
C SER A 103 8.73 6.08 -12.11
N LYS A 104 9.54 5.03 -12.28
CA LYS A 104 10.21 4.76 -13.55
C LYS A 104 9.61 3.47 -14.11
N LYS A 105 8.72 3.63 -15.08
CA LYS A 105 7.99 2.49 -15.63
C LYS A 105 8.82 1.34 -16.17
N GLU A 106 9.91 1.66 -16.87
CA GLU A 106 10.73 0.58 -17.42
C GLU A 106 11.45 -0.17 -16.30
N GLU A 107 11.97 0.57 -15.33
CA GLU A 107 12.67 -0.03 -14.21
C GLU A 107 11.77 -0.90 -13.34
N ILE A 108 10.64 -0.34 -12.91
CA ILE A 108 9.77 -1.14 -12.07
C ILE A 108 9.15 -2.33 -12.82
N SER A 109 8.89 -2.17 -14.12
CA SER A 109 8.34 -3.28 -14.89
C SER A 109 9.35 -4.43 -14.90
N GLU A 110 10.64 -4.13 -15.01
CA GLU A 110 11.64 -5.19 -15.03
C GLU A 110 11.76 -5.90 -13.68
N VAL A 111 11.65 -5.14 -12.59
CA VAL A 111 11.73 -5.68 -11.23
C VAL A 111 10.59 -6.66 -11.01
N ILE A 112 9.38 -6.25 -11.37
CA ILE A 112 8.22 -7.12 -11.22
C ILE A 112 8.38 -8.38 -12.09
N ASN A 113 8.89 -8.23 -13.32
CA ASN A 113 9.08 -9.40 -14.20
C ASN A 113 10.06 -10.37 -13.54
N LYS A 114 11.13 -9.83 -12.96
CA LYS A 114 12.13 -10.65 -12.29
C LYS A 114 11.51 -11.41 -11.11
N ILE A 115 10.70 -10.71 -10.32
CA ILE A 115 10.04 -11.33 -9.18
C ILE A 115 9.14 -12.47 -9.65
N LEU A 116 8.45 -12.27 -10.77
CA LEU A 116 7.55 -13.30 -11.26
C LEU A 116 8.26 -14.48 -11.94
N THR A 117 9.54 -14.33 -12.24
CA THR A 117 10.27 -15.46 -12.83
C THR A 117 10.75 -16.32 -11.66
N GLU A 118 10.97 -15.67 -10.52
CA GLU A 118 11.42 -16.34 -9.31
C GLU A 118 10.27 -16.96 -8.51
N HIS A 119 9.10 -16.32 -8.61
CA HIS A 119 7.92 -16.79 -7.89
C HIS A 119 6.80 -17.02 -8.89
N LYS A 120 6.23 -18.20 -8.86
CA LYS A 120 5.13 -18.51 -9.76
C LYS A 120 3.94 -17.62 -9.41
N ASN A 121 3.66 -17.51 -8.11
CA ASN A 121 2.53 -16.68 -7.68
C ASN A 121 2.87 -15.63 -6.62
N VAL A 122 2.14 -14.52 -6.69
CA VAL A 122 2.23 -13.46 -5.71
C VAL A 122 0.74 -13.34 -5.39
N ASP A 123 0.38 -13.86 -4.23
CA ASP A 123 -1.02 -13.95 -3.77
C ASP A 123 -1.59 -12.69 -3.15
N ILE A 124 -0.71 -11.90 -2.54
CA ILE A 124 -1.09 -10.67 -1.86
C ILE A 124 -0.18 -9.55 -2.36
N LEU A 125 -0.80 -8.47 -2.86
CA LEU A 125 -0.04 -7.33 -3.35
C LEU A 125 -0.51 -6.10 -2.59
N VAL A 126 0.41 -5.44 -1.89
CA VAL A 126 0.08 -4.21 -1.18
C VAL A 126 0.78 -3.06 -1.93
N ASN A 127 0.00 -2.25 -2.65
CA ASN A 127 0.55 -1.11 -3.39
C ASN A 127 0.60 0.07 -2.42
N ASN A 128 1.76 0.25 -1.77
CA ASN A 128 1.93 1.28 -0.76
C ASN A 128 2.86 2.39 -1.18
N ALA A 129 3.73 2.14 -2.16
CA ALA A 129 4.66 3.21 -2.59
C ALA A 129 3.93 4.48 -2.96
N GLY A 130 4.48 5.61 -2.53
CA GLY A 130 3.86 6.88 -2.88
C GLY A 130 4.65 8.04 -2.31
N ILE A 131 4.42 9.24 -2.85
CA ILE A 131 5.14 10.43 -2.36
C ILE A 131 4.21 11.62 -2.31
N THR A 132 4.67 12.68 -1.65
CA THR A 132 3.94 13.94 -1.60
C THR A 132 4.94 15.00 -2.07
N ARG A 133 4.40 16.05 -2.68
CA ARG A 133 5.19 17.22 -3.15
C ARG A 133 4.17 18.32 -2.95
N ASP A 134 3.99 18.71 -1.69
CA ASP A 134 2.99 19.69 -1.33
C ASP A 134 3.23 21.12 -1.77
N ASN A 135 2.15 21.82 -2.10
CA ASN A 135 2.21 23.24 -2.48
C ASN A 135 0.80 23.73 -2.81
N LEU A 136 0.52 25.00 -2.52
CA LEU A 136 -0.77 25.54 -2.91
C LEU A 136 -0.80 25.44 -4.43
N PHE A 137 -1.98 25.22 -4.98
CA PHE A 137 -2.13 25.06 -6.41
C PHE A 137 -1.50 26.22 -7.19
N LEU A 138 -1.71 27.44 -6.71
CA LEU A 138 -1.16 28.62 -7.38
C LEU A 138 0.36 28.57 -7.55
N ARG A 139 1.06 27.99 -6.58
CA ARG A 139 2.53 27.90 -6.54
C ARG A 139 3.11 26.59 -7.05
N MET A 140 2.26 25.57 -7.12
CA MET A 140 2.73 24.25 -7.52
C MET A 140 3.50 24.23 -8.84
N LYS A 141 4.63 23.52 -8.84
CA LYS A 141 5.45 23.40 -10.05
C LYS A 141 4.97 22.22 -10.92
N ASN A 142 5.19 22.28 -12.23
CA ASN A 142 4.74 21.19 -13.10
C ASN A 142 5.33 19.85 -12.69
N ASP A 143 6.58 19.85 -12.21
CA ASP A 143 7.19 18.59 -11.80
C ASP A 143 6.60 18.04 -10.50
N GLU A 144 6.12 18.92 -9.64
CA GLU A 144 5.49 18.48 -8.39
C GLU A 144 4.19 17.79 -8.72
N TRP A 145 3.48 18.32 -9.72
CA TRP A 145 2.23 17.72 -10.17
C TRP A 145 2.52 16.38 -10.83
N GLU A 146 3.39 16.40 -11.83
CA GLU A 146 3.74 15.18 -12.56
C GLU A 146 4.36 14.06 -11.74
N ASP A 147 5.32 14.37 -10.89
CA ASP A 147 5.99 13.32 -10.13
C ASP A 147 5.04 12.59 -9.18
N VAL A 148 4.11 13.31 -8.59
CA VAL A 148 3.17 12.72 -7.65
C VAL A 148 2.19 11.85 -8.41
N LEU A 149 1.67 12.33 -9.54
CA LEU A 149 0.73 11.48 -10.31
C LEU A 149 1.44 10.25 -10.85
N ARG A 150 2.64 10.44 -11.37
CA ARG A 150 3.36 9.32 -11.97
C ARG A 150 3.76 8.25 -10.95
N THR A 151 4.23 8.69 -9.80
CA THR A 151 4.67 7.79 -8.76
C THR A 151 3.49 7.09 -8.07
N ASN A 152 2.47 7.86 -7.74
CA ASN A 152 1.33 7.33 -6.98
C ASN A 152 0.22 6.66 -7.76
N LEU A 153 0.06 7.03 -9.03
CA LEU A 153 -1.05 6.51 -9.80
C LEU A 153 -0.63 5.75 -11.05
N ASN A 154 0.15 6.37 -11.93
CA ASN A 154 0.54 5.65 -13.14
C ASN A 154 1.24 4.32 -12.85
N SER A 155 1.99 4.29 -11.75
CA SER A 155 2.76 3.11 -11.35
C SER A 155 1.92 1.88 -11.12
N LEU A 156 0.66 2.07 -10.72
CA LEU A 156 -0.19 0.92 -10.40
C LEU A 156 -0.38 -0.02 -11.56
N PHE A 157 -0.37 0.50 -12.76
CA PHE A 157 -0.55 -0.31 -13.93
C PHE A 157 0.63 -1.28 -14.13
N TYR A 158 1.84 -0.75 -14.06
CA TYR A 158 3.03 -1.56 -14.30
C TYR A 158 3.29 -2.63 -13.26
N ILE A 159 2.89 -2.37 -12.04
CA ILE A 159 3.08 -3.30 -10.95
C ILE A 159 1.94 -4.32 -10.88
N THR A 160 0.72 -3.82 -10.96
CA THR A 160 -0.44 -4.68 -10.81
C THR A 160 -0.81 -5.54 -12.00
N GLN A 161 -0.57 -5.06 -13.21
CA GLN A 161 -0.99 -5.87 -14.36
C GLN A 161 -0.33 -7.26 -14.45
N PRO A 162 1.00 -7.33 -14.39
CA PRO A 162 1.63 -8.66 -14.47
C PRO A 162 1.22 -9.56 -13.30
N ILE A 163 1.12 -8.98 -12.12
CA ILE A 163 0.76 -9.76 -10.95
C ILE A 163 -0.68 -10.24 -11.04
N SER A 164 -1.58 -9.37 -11.49
CA SER A 164 -2.98 -9.78 -11.60
C SER A 164 -3.13 -10.92 -12.62
N LYS A 165 -2.28 -10.97 -13.64
CA LYS A 165 -2.39 -12.06 -14.62
C LYS A 165 -2.13 -13.39 -13.91
N ARG A 166 -1.15 -13.44 -13.02
CA ARG A 166 -0.86 -14.67 -12.30
C ARG A 166 -1.98 -14.98 -11.30
N MET A 167 -2.57 -13.95 -10.69
CA MET A 167 -3.65 -14.19 -9.74
C MET A 167 -4.87 -14.78 -10.46
N ILE A 168 -5.16 -14.29 -11.66
CA ILE A 168 -6.29 -14.78 -12.44
C ILE A 168 -6.06 -16.25 -12.80
N ASN A 169 -4.83 -16.57 -13.22
CA ASN A 169 -4.52 -17.94 -13.59
C ASN A 169 -4.60 -18.85 -12.37
N ASN A 170 -4.19 -18.35 -11.22
CA ASN A 170 -4.22 -19.14 -10.00
C ASN A 170 -5.56 -19.10 -9.29
N ARG A 171 -6.46 -18.24 -9.77
CA ARG A 171 -7.77 -18.08 -9.16
C ARG A 171 -7.72 -17.73 -7.68
N TYR A 172 -6.82 -16.77 -7.36
CA TYR A 172 -6.73 -16.30 -5.98
C TYR A 172 -5.93 -15.02 -5.90
N GLY A 173 -6.42 -14.09 -5.07
CA GLY A 173 -5.64 -12.88 -4.89
C GLY A 173 -6.18 -11.92 -3.87
N ARG A 174 -5.27 -11.08 -3.38
CA ARG A 174 -5.63 -10.01 -2.45
C ARG A 174 -4.83 -8.81 -2.92
N ILE A 175 -5.49 -7.76 -3.42
CA ILE A 175 -4.78 -6.55 -3.84
C ILE A 175 -5.27 -5.45 -2.91
N ILE A 176 -4.34 -4.83 -2.19
CA ILE A 176 -4.67 -3.77 -1.23
C ILE A 176 -3.92 -2.53 -1.68
N ASN A 177 -4.67 -1.49 -2.03
CA ASN A 177 -4.06 -0.26 -2.51
C ASN A 177 -4.13 0.78 -1.40
N ILE A 178 -3.01 1.39 -1.05
CA ILE A 178 -3.04 2.40 -0.01
C ILE A 178 -3.37 3.74 -0.67
N SER A 179 -4.48 4.35 -0.24
CA SER A 179 -4.90 5.65 -0.74
C SER A 179 -4.66 6.62 0.44
N SER A 180 -5.61 7.50 0.71
CA SER A 180 -5.48 8.47 1.81
C SER A 180 -6.82 9.11 2.01
N ILE A 181 -7.10 9.58 3.22
CA ILE A 181 -8.36 10.30 3.37
C ILE A 181 -8.38 11.52 2.44
N VAL A 182 -7.21 12.09 2.12
CA VAL A 182 -7.12 13.25 1.21
C VAL A 182 -7.66 12.89 -0.17
N GLY A 183 -7.63 11.60 -0.54
CA GLY A 183 -8.17 11.17 -1.81
C GLY A 183 -9.69 11.21 -1.80
N LEU A 184 -10.27 11.27 -0.61
CA LEU A 184 -11.73 11.34 -0.48
C LEU A 184 -12.25 12.75 -0.24
N THR A 185 -11.48 13.54 0.48
CA THR A 185 -11.92 14.87 0.86
C THR A 185 -11.21 16.04 0.22
N GLY A 186 -10.06 15.77 -0.37
CA GLY A 186 -9.23 16.84 -0.91
C GLY A 186 -8.50 17.47 0.28
N ASN A 187 -7.48 18.28 0.04
CA ASN A 187 -6.77 18.94 1.13
C ASN A 187 -6.00 20.12 0.58
N VAL A 188 -6.01 21.23 1.31
CA VAL A 188 -5.27 22.41 0.93
C VAL A 188 -3.79 22.07 0.81
N GLY A 189 -3.20 22.45 -0.31
CA GLY A 189 -1.78 22.19 -0.53
C GLY A 189 -1.49 20.83 -1.11
N GLN A 190 -2.53 20.06 -1.42
CA GLN A 190 -2.31 18.71 -1.95
C GLN A 190 -3.17 18.36 -3.15
N ALA A 191 -3.37 19.29 -4.08
CA ALA A 191 -4.18 18.98 -5.24
C ALA A 191 -3.60 17.82 -6.01
N ASN A 192 -2.26 17.71 -6.02
CA ASN A 192 -1.63 16.62 -6.74
C ASN A 192 -1.81 15.29 -6.00
N TYR A 193 -1.51 15.29 -4.71
CA TYR A 193 -1.64 14.08 -3.90
C TYR A 193 -3.09 13.60 -3.90
N SER A 194 -4.01 14.51 -3.64
CA SER A 194 -5.44 14.15 -3.63
C SER A 194 -5.90 13.56 -4.96
N SER A 195 -5.49 14.16 -6.06
CA SER A 195 -5.86 13.65 -7.37
C SER A 195 -5.31 12.22 -7.51
N SER A 196 -4.06 12.02 -7.10
CA SER A 196 -3.47 10.69 -7.26
C SER A 196 -4.14 9.64 -6.40
N LYS A 197 -4.43 10.00 -5.15
CA LYS A 197 -5.03 9.03 -4.23
C LYS A 197 -6.51 8.79 -4.53
N ALA A 198 -7.21 9.78 -5.10
CA ALA A 198 -8.57 9.55 -5.54
C ALA A 198 -8.49 8.60 -6.72
N GLY A 199 -7.49 8.80 -7.59
CA GLY A 199 -7.32 7.90 -8.72
C GLY A 199 -7.13 6.45 -8.30
N VAL A 200 -6.37 6.26 -7.23
CA VAL A 200 -6.14 4.90 -6.68
C VAL A 200 -7.49 4.23 -6.37
N ILE A 201 -8.44 5.03 -5.87
CA ILE A 201 -9.74 4.49 -5.53
C ILE A 201 -10.53 4.09 -6.78
N GLY A 202 -10.50 4.91 -7.84
CA GLY A 202 -11.19 4.54 -9.07
C GLY A 202 -10.58 3.27 -9.64
N PHE A 203 -9.26 3.14 -9.56
CA PHE A 203 -8.55 1.94 -10.04
C PHE A 203 -9.06 0.72 -9.28
N THR A 204 -9.07 0.85 -7.96
CA THR A 204 -9.50 -0.20 -7.06
C THR A 204 -10.90 -0.73 -7.40
N LYS A 205 -11.85 0.18 -7.55
CA LYS A 205 -13.21 -0.26 -7.83
C LYS A 205 -13.38 -0.95 -9.18
N SER A 206 -12.69 -0.45 -10.21
CA SER A 206 -12.80 -1.07 -11.52
C SER A 206 -12.21 -2.47 -11.50
N LEU A 207 -11.02 -2.60 -10.92
CA LEU A 207 -10.37 -3.91 -10.87
C LEU A 207 -11.21 -4.87 -10.03
N ALA A 208 -11.81 -4.40 -8.94
CA ALA A 208 -12.65 -5.32 -8.14
C ALA A 208 -13.75 -5.92 -9.02
N LYS A 209 -14.36 -5.08 -9.85
CA LYS A 209 -15.43 -5.57 -10.71
C LYS A 209 -14.94 -6.61 -11.70
N GLU A 210 -13.72 -6.42 -12.22
CA GLU A 210 -13.17 -7.34 -13.21
C GLU A 210 -12.57 -8.62 -12.66
N LEU A 211 -12.03 -8.57 -11.46
CA LEU A 211 -11.32 -9.73 -10.93
C LEU A 211 -12.00 -10.56 -9.87
N ALA A 212 -13.12 -10.08 -9.35
CA ALA A 212 -13.81 -10.80 -8.28
C ALA A 212 -14.23 -12.23 -8.62
N SER A 213 -14.58 -12.49 -9.87
CA SER A 213 -15.03 -13.85 -10.21
C SER A 213 -13.91 -14.88 -10.12
N ARG A 214 -12.67 -14.40 -10.05
CA ARG A 214 -11.50 -15.27 -9.95
C ARG A 214 -10.97 -15.34 -8.53
N ASN A 215 -11.85 -15.06 -7.58
CA ASN A 215 -11.50 -15.12 -6.16
C ASN A 215 -10.39 -14.15 -5.80
N ILE A 216 -10.42 -12.97 -6.44
CA ILE A 216 -9.44 -11.91 -6.17
C ILE A 216 -10.20 -10.72 -5.57
N THR A 217 -9.77 -10.21 -4.41
CA THR A 217 -10.42 -9.03 -3.86
C THR A 217 -9.47 -7.85 -4.12
N VAL A 218 -10.05 -6.68 -4.39
CA VAL A 218 -9.25 -5.47 -4.63
C VAL A 218 -9.90 -4.39 -3.74
N ASN A 219 -9.14 -3.89 -2.77
CA ASN A 219 -9.67 -2.90 -1.83
C ASN A 219 -8.64 -1.83 -1.55
N ALA A 220 -9.08 -0.71 -1.02
CA ALA A 220 -8.16 0.36 -0.69
C ALA A 220 -8.26 0.71 0.77
N ILE A 221 -7.15 1.18 1.35
CA ILE A 221 -7.13 1.64 2.73
C ILE A 221 -6.83 3.13 2.64
N ALA A 222 -7.62 3.96 3.33
CA ALA A 222 -7.43 5.41 3.31
C ALA A 222 -7.06 5.88 4.69
N PRO A 223 -5.77 5.95 4.99
CA PRO A 223 -5.39 6.41 6.33
C PRO A 223 -5.60 7.90 6.53
N GLY A 224 -5.82 8.28 7.79
CA GLY A 224 -5.91 9.69 8.17
C GLY A 224 -4.50 10.11 8.55
N PHE A 225 -4.35 10.77 9.70
CA PHE A 225 -3.03 11.21 10.15
C PHE A 225 -2.35 10.09 10.92
N ILE A 226 -1.30 9.53 10.31
CA ILE A 226 -0.54 8.43 10.91
C ILE A 226 0.87 8.94 11.27
N SER A 227 1.29 8.66 12.50
CA SER A 227 2.60 9.12 12.96
C SER A 227 3.68 8.58 12.04
N SER A 228 4.63 9.42 11.68
CA SER A 228 5.70 8.96 10.79
C SER A 228 5.17 8.79 9.38
N ILE A 234 6.43 18.37 10.38
CA ILE A 234 5.37 19.26 10.83
C ILE A 234 5.70 19.91 12.16
N SER A 235 5.40 21.19 12.30
CA SER A 235 5.67 21.91 13.54
C SER A 235 4.77 21.39 14.66
N GLU A 236 5.25 21.48 15.89
CA GLU A 236 4.48 21.01 17.04
C GLU A 236 3.14 21.73 17.14
N GLN A 237 3.10 22.98 16.70
CA GLN A 237 1.86 23.75 16.75
C GLN A 237 0.86 23.26 15.71
N ILE A 238 1.35 22.94 14.52
CA ILE A 238 0.46 22.45 13.47
C ILE A 238 -0.01 21.05 13.80
N LYS A 239 0.87 20.27 14.43
CA LYS A 239 0.52 18.91 14.82
C LYS A 239 -0.56 18.97 15.90
N LYS A 240 -0.45 19.91 16.82
CA LYS A 240 -1.45 20.04 17.87
C LYS A 240 -2.77 20.46 17.22
N ASN A 241 -2.67 21.33 16.21
CA ASN A 241 -3.86 21.80 15.49
C ASN A 241 -4.56 20.63 14.82
N ILE A 242 -3.77 19.75 14.21
CA ILE A 242 -4.30 18.57 13.54
C ILE A 242 -4.98 17.67 14.55
N ILE A 243 -4.22 17.24 15.57
CA ILE A 243 -4.75 16.36 16.61
C ILE A 243 -6.02 16.91 17.24
N SER A 244 -6.14 18.23 17.32
CA SER A 244 -7.33 18.85 17.89
C SER A 244 -8.56 18.63 17.00
N ASN A 245 -8.33 18.19 15.77
CA ASN A 245 -9.43 17.92 14.84
C ASN A 245 -9.77 16.43 14.75
N ILE A 246 -9.01 15.60 15.46
CA ILE A 246 -9.23 14.16 15.45
C ILE A 246 -9.97 13.74 16.73
N PRO A 247 -11.20 13.24 16.61
CA PRO A 247 -11.98 12.81 17.77
C PRO A 247 -11.20 11.88 18.70
N ALA A 248 -10.44 10.95 18.13
CA ALA A 248 -9.63 10.02 18.92
C ALA A 248 -8.57 10.73 19.78
N GLY A 249 -8.23 11.96 19.39
CA GLY A 249 -7.25 12.75 20.14
C GLY A 249 -5.80 12.36 19.99
N ARG A 250 -5.47 11.71 18.88
CA ARG A 250 -4.11 11.27 18.65
C ARG A 250 -3.98 10.86 17.19
N MET A 251 -2.75 10.71 16.74
CA MET A 251 -2.52 10.21 15.40
C MET A 251 -2.57 8.68 15.48
N GLY A 252 -2.77 8.03 14.36
CA GLY A 252 -2.80 6.58 14.34
C GLY A 252 -1.38 6.09 14.21
N THR A 253 -1.20 4.78 14.32
CA THR A 253 0.14 4.20 14.23
C THR A 253 0.23 3.34 12.97
N PRO A 254 1.44 3.14 12.45
CA PRO A 254 1.56 2.30 11.26
C PRO A 254 1.16 0.86 11.56
N GLU A 255 1.31 0.44 12.81
CA GLU A 255 0.92 -0.91 13.21
C GLU A 255 -0.61 -1.04 13.11
N GLU A 256 -1.36 0.02 13.40
CA GLU A 256 -2.84 -0.03 13.28
C GLU A 256 -3.22 -0.19 11.83
N VAL A 257 -2.55 0.54 10.95
CA VAL A 257 -2.85 0.41 9.53
C VAL A 257 -2.48 -0.99 9.07
N ALA A 258 -1.35 -1.53 9.56
CA ALA A 258 -0.95 -2.86 9.16
C ALA A 258 -1.99 -3.90 9.57
N ASN A 259 -2.58 -3.73 10.75
CA ASN A 259 -3.62 -4.67 11.20
C ASN A 259 -4.76 -4.72 10.18
N LEU A 260 -5.19 -3.54 9.73
CA LEU A 260 -6.27 -3.49 8.75
C LEU A 260 -5.84 -4.13 7.43
N ALA A 261 -4.59 -3.91 6.99
CA ALA A 261 -4.16 -4.50 5.74
C ALA A 261 -4.09 -6.03 5.88
N CYS A 262 -3.65 -6.53 7.04
CA CYS A 262 -3.55 -7.98 7.19
C CYS A 262 -4.94 -8.59 7.30
N PHE A 263 -5.86 -7.87 7.89
CA PHE A 263 -7.23 -8.39 7.93
C PHE A 263 -7.75 -8.53 6.49
N LEU A 264 -7.53 -7.51 5.67
CA LEU A 264 -8.01 -7.59 4.30
C LEU A 264 -7.31 -8.68 3.50
N SER A 265 -6.07 -9.01 3.89
CA SER A 265 -5.30 -10.04 3.21
C SER A 265 -5.70 -11.43 3.67
N SER A 266 -6.48 -11.52 4.74
CA SER A 266 -6.80 -12.83 5.27
C SER A 266 -7.80 -13.66 4.49
N ASP A 267 -7.86 -14.95 4.81
CA ASP A 267 -8.72 -15.86 4.10
C ASP A 267 -10.21 -15.55 4.23
N LYS A 268 -10.60 -15.13 5.42
CA LYS A 268 -11.98 -14.83 5.77
C LYS A 268 -12.50 -13.46 5.31
N SER A 269 -11.71 -12.72 4.53
CA SER A 269 -12.16 -11.40 4.04
C SER A 269 -12.46 -11.45 2.55
N GLY A 270 -12.72 -12.64 2.03
CA GLY A 270 -12.95 -12.82 0.61
C GLY A 270 -14.21 -12.21 0.03
N TYR A 271 -15.14 -11.80 0.89
CA TYR A 271 -16.37 -11.18 0.40
C TYR A 271 -16.33 -9.65 0.46
N ILE A 272 -15.19 -9.09 0.89
CA ILE A 272 -15.03 -7.63 0.94
C ILE A 272 -14.32 -7.29 -0.35
N ASN A 273 -14.96 -6.50 -1.20
CA ASN A 273 -14.38 -6.23 -2.49
C ASN A 273 -14.82 -4.89 -3.04
N GLY A 274 -13.82 -4.14 -3.55
CA GLY A 274 -14.06 -2.85 -4.16
C GLY A 274 -14.37 -1.75 -3.21
N ARG A 275 -13.90 -1.87 -1.99
CA ARG A 275 -14.19 -0.90 -0.95
C ARG A 275 -13.02 -0.05 -0.55
N VAL A 276 -13.32 1.06 0.14
CA VAL A 276 -12.31 1.95 0.69
C VAL A 276 -12.54 1.95 2.19
N PHE A 277 -11.53 1.50 2.94
CA PHE A 277 -11.62 1.43 4.39
C PHE A 277 -10.78 2.54 4.98
N VAL A 278 -11.44 3.47 5.65
CA VAL A 278 -10.80 4.63 6.24
C VAL A 278 -10.42 4.36 7.69
N ILE A 279 -9.17 4.66 8.02
CA ILE A 279 -8.64 4.47 9.38
C ILE A 279 -8.05 5.82 9.77
N ASP A 280 -8.87 6.60 10.48
CA ASP A 280 -8.53 7.98 10.78
C ASP A 280 -8.97 8.52 12.11
N GLY A 281 -9.37 7.65 13.04
CA GLY A 281 -9.76 8.13 14.35
C GLY A 281 -10.96 9.04 14.39
N GLY A 282 -11.79 8.97 13.35
CA GLY A 282 -13.00 9.80 13.28
C GLY A 282 -12.79 11.19 12.69
N LEU A 283 -11.63 11.42 12.08
CA LEU A 283 -11.31 12.73 11.51
C LEU A 283 -12.35 13.18 10.49
N SER A 284 -12.79 12.27 9.63
CA SER A 284 -13.74 12.67 8.60
C SER A 284 -14.83 11.67 8.27
N PRO A 285 -15.81 11.49 9.16
CA PRO A 285 -16.90 10.55 8.88
C PRO A 285 -17.67 10.91 7.60
S SO4 B . 11.00 3.03 0.46
O1 SO4 B . 12.33 3.02 1.12
O2 SO4 B . 10.42 1.68 0.63
O3 SO4 B . 11.10 3.34 -0.97
O4 SO4 B . 10.14 4.02 1.14
#